data_4NL9
#
_entry.id   4NL9
#
_cell.length_a   47.700
_cell.length_b   108.520
_cell.length_c   101.740
_cell.angle_alpha   90.000
_cell.angle_beta   90.000
_cell.angle_gamma   90.000
#
_symmetry.space_group_name_H-M   'C 2 2 21'
#
loop_
_entity.id
_entity.type
_entity.pdbx_description
1 polymer 'Ankyrin repeat and SAM domain-containing protein 3'
2 polymer 'Ankyrin repeat and SAM domain-containing protein 6'
3 non-polymer 'MAGNESIUM ION'
4 water water
#
loop_
_entity_poly.entity_id
_entity_poly.type
_entity_poly.pdbx_seq_one_letter_code
_entity_poly.pdbx_strand_id
1 'polypeptide(L)' SRAPYSGPQDLAALLEQIGCLKYLQVFEEQDVDLREFLTLTESDLKEIGITLFGPKRKMTSAIARWHSSAR A,B
2 'polypeptide(L)' STITDEDELTGILKKLSLEKYQPIFEEQEVDMEAFLTLTDGDLKELGIKTDGSRQQILAAISELNAGKGRE C,D
#
loop_
_chem_comp.id
_chem_comp.type
_chem_comp.name
_chem_comp.formula
MG non-polymer 'MAGNESIUM ION' 'Mg 2'
#
# COMPACT_ATOMS: atom_id res chain seq x y z
N ALA A 3 -10.95 -15.01 -31.62
CA ALA A 3 -10.74 -13.94 -32.59
C ALA A 3 -9.80 -12.87 -32.06
N PRO A 4 -8.84 -12.44 -32.89
CA PRO A 4 -7.81 -11.49 -32.44
C PRO A 4 -8.38 -10.14 -31.99
N TYR A 5 -7.78 -9.60 -30.94
CA TYR A 5 -8.07 -8.27 -30.41
C TYR A 5 -9.46 -8.11 -29.80
N SER A 6 -10.15 -9.22 -29.57
CA SER A 6 -11.40 -9.15 -28.83
C SER A 6 -11.09 -9.06 -27.34
N GLY A 7 -12.07 -8.66 -26.55
CA GLY A 7 -11.86 -8.50 -25.13
C GLY A 7 -11.68 -9.84 -24.44
N PRO A 8 -11.30 -9.82 -23.16
CA PRO A 8 -11.19 -11.04 -22.36
C PRO A 8 -12.54 -11.72 -22.22
N GLN A 9 -12.55 -13.05 -22.19
CA GLN A 9 -13.79 -13.82 -22.11
C GLN A 9 -14.40 -13.78 -20.71
N ASP A 10 -13.53 -13.70 -19.70
CA ASP A 10 -13.98 -13.69 -18.30
C ASP A 10 -12.97 -12.96 -17.43
N LEU A 11 -13.24 -12.85 -16.14
CA LEU A 11 -12.36 -12.08 -15.29
C LEU A 11 -10.97 -12.69 -15.20
N ALA A 12 -10.90 -14.02 -15.10
CA ALA A 12 -9.60 -14.68 -15.03
C ALA A 12 -8.76 -14.32 -16.25
N ALA A 13 -9.41 -14.25 -17.41
CA ALA A 13 -8.69 -13.90 -18.64
C ALA A 13 -8.13 -12.48 -18.59
N LEU A 14 -8.93 -11.55 -18.09
CA LEU A 14 -8.47 -10.17 -17.97
C LEU A 14 -7.30 -10.08 -17.01
N LEU A 15 -7.46 -10.66 -15.81
CA LEU A 15 -6.41 -10.60 -14.80
C LEU A 15 -5.12 -11.27 -15.27
N GLU A 16 -5.25 -12.34 -16.04
CA GLU A 16 -4.08 -13.03 -16.57
C GLU A 16 -3.30 -12.09 -17.49
N GLN A 17 -4.05 -11.36 -18.31
CA GLN A 17 -3.45 -10.45 -19.28
C GLN A 17 -2.63 -9.35 -18.59
N ILE A 18 -3.10 -8.88 -17.44
CA ILE A 18 -2.40 -7.83 -16.72
C ILE A 18 -1.53 -8.33 -15.55
N GLY A 19 -1.31 -9.64 -15.49
CA GLY A 19 -0.46 -10.22 -14.46
C GLY A 19 -0.99 -10.03 -13.06
N CYS A 20 -2.30 -10.15 -12.91
CA CYS A 20 -2.94 -9.90 -11.63
C CYS A 20 -3.78 -11.07 -11.13
N LEU A 21 -3.44 -12.29 -11.55
CA LEU A 21 -4.21 -13.45 -11.12
C LEU A 21 -4.11 -13.71 -9.61
N LYS A 22 -3.12 -13.11 -8.95
CA LYS A 22 -3.03 -13.22 -7.50
C LYS A 22 -4.25 -12.60 -6.80
N TYR A 23 -5.03 -11.79 -7.53
CA TYR A 23 -6.22 -11.16 -6.95
C TYR A 23 -7.55 -11.82 -7.37
N LEU A 24 -7.49 -12.86 -8.17
CA LEU A 24 -8.71 -13.45 -8.70
C LEU A 24 -9.63 -13.96 -7.59
N GLN A 25 -9.08 -14.66 -6.61
CA GLN A 25 -9.93 -15.23 -5.57
C GLN A 25 -10.55 -14.17 -4.67
N VAL A 26 -9.88 -13.03 -4.51
CA VAL A 26 -10.48 -11.92 -3.78
C VAL A 26 -11.75 -11.45 -4.50
N PHE A 27 -11.68 -11.30 -5.81
CA PHE A 27 -12.87 -10.92 -6.57
C PHE A 27 -13.96 -11.99 -6.50
N GLU A 28 -13.57 -13.25 -6.65
CA GLU A 28 -14.53 -14.33 -6.64
C GLU A 28 -15.28 -14.42 -5.31
N GLU A 29 -14.56 -14.17 -4.22
CA GLU A 29 -15.18 -14.21 -2.89
C GLU A 29 -16.22 -13.10 -2.72
N GLN A 30 -16.06 -12.00 -3.46
CA GLN A 30 -17.04 -10.92 -3.44
C GLN A 30 -18.07 -11.03 -4.58
N ASP A 31 -18.06 -12.17 -5.26
CA ASP A 31 -18.98 -12.41 -6.38
C ASP A 31 -18.84 -11.38 -7.51
N VAL A 32 -17.62 -10.87 -7.68
CA VAL A 32 -17.32 -9.93 -8.76
C VAL A 32 -16.86 -10.71 -9.99
N ASP A 33 -17.69 -10.72 -11.02
CA ASP A 33 -17.30 -11.32 -12.30
C ASP A 33 -16.79 -10.22 -13.23
N LEU A 34 -16.54 -10.58 -14.49
CA LEU A 34 -16.02 -9.62 -15.47
C LEU A 34 -16.93 -8.41 -15.65
N ARG A 35 -18.23 -8.65 -15.81
CA ARG A 35 -19.17 -7.56 -16.00
C ARG A 35 -19.13 -6.56 -14.84
N GLU A 36 -19.18 -7.05 -13.61
CA GLU A 36 -19.11 -6.16 -12.46
C GLU A 36 -17.74 -5.50 -12.35
N PHE A 37 -16.69 -6.25 -12.64
CA PHE A 37 -15.34 -5.70 -12.57
C PHE A 37 -15.20 -4.45 -13.47
N LEU A 38 -15.80 -4.52 -14.66
CA LEU A 38 -15.70 -3.44 -15.63
C LEU A 38 -16.51 -2.20 -15.25
N THR A 39 -17.29 -2.31 -14.18
CA THR A 39 -18.01 -1.14 -13.62
C THR A 39 -17.29 -0.50 -12.42
N LEU A 40 -16.20 -1.09 -11.95
CA LEU A 40 -15.59 -0.63 -10.70
C LEU A 40 -14.77 0.62 -10.91
N THR A 41 -14.79 1.48 -9.91
CA THR A 41 -13.91 2.64 -9.87
C THR A 41 -12.67 2.32 -9.04
N GLU A 42 -11.71 3.23 -9.08
CA GLU A 42 -10.46 3.08 -8.36
C GLU A 42 -10.69 2.79 -6.88
N SER A 43 -11.57 3.58 -6.26
CA SER A 43 -11.83 3.41 -4.84
C SER A 43 -12.59 2.10 -4.54
N ASP A 44 -13.37 1.62 -5.50
CA ASP A 44 -14.00 0.31 -5.38
C ASP A 44 -12.95 -0.79 -5.31
N LEU A 45 -11.92 -0.67 -6.13
CA LEU A 45 -10.84 -1.65 -6.15
C LEU A 45 -10.07 -1.63 -4.81
N LYS A 46 -9.79 -0.42 -4.32
CA LYS A 46 -9.10 -0.29 -3.05
C LYS A 46 -9.93 -0.92 -1.92
N GLU A 47 -11.23 -0.64 -1.92
CA GLU A 47 -12.14 -1.17 -0.91
C GLU A 47 -12.21 -2.71 -0.86
N ILE A 48 -12.08 -3.34 -2.04
CA ILE A 48 -12.09 -4.82 -2.15
C ILE A 48 -10.78 -5.44 -1.64
N GLY A 49 -9.70 -4.65 -1.63
CA GLY A 49 -8.42 -5.15 -1.16
C GLY A 49 -7.28 -5.01 -2.15
N ILE A 50 -7.50 -4.29 -3.24
CA ILE A 50 -6.40 -4.03 -4.17
C ILE A 50 -5.74 -2.75 -3.68
N THR A 51 -4.88 -2.90 -2.67
CA THR A 51 -4.37 -1.74 -1.94
C THR A 51 -3.06 -1.20 -2.48
N LEU A 52 -2.37 -1.97 -3.31
CA LEU A 52 -1.08 -1.53 -3.85
C LEU A 52 -1.23 -0.75 -5.15
N PHE A 53 -0.35 0.24 -5.36
CA PHE A 53 -0.52 1.14 -6.48
C PHE A 53 -0.48 0.44 -7.84
N GLY A 54 0.51 -0.44 -8.00
CA GLY A 54 0.75 -1.08 -9.29
C GLY A 54 -0.42 -1.88 -9.81
N PRO A 55 -0.87 -2.88 -9.04
CA PRO A 55 -2.00 -3.70 -9.51
C PRO A 55 -3.26 -2.88 -9.71
N LYS A 56 -3.51 -1.93 -8.81
CA LYS A 56 -4.71 -1.12 -8.92
C LYS A 56 -4.67 -0.29 -10.20
N ARG A 57 -3.48 0.20 -10.56
CA ARG A 57 -3.34 0.98 -11.79
C ARG A 57 -3.51 0.12 -13.03
N LYS A 58 -2.96 -1.10 -13.02
CA LYS A 58 -3.14 -1.97 -14.17
C LYS A 58 -4.60 -2.33 -14.34
N MET A 59 -5.31 -2.44 -13.22
CA MET A 59 -6.74 -2.74 -13.28
C MET A 59 -7.56 -1.56 -13.78
N THR A 60 -7.29 -0.36 -13.28
CA THR A 60 -8.04 0.79 -13.79
C THR A 60 -7.74 1.04 -15.28
N SER A 61 -6.50 0.78 -15.70
CA SER A 61 -6.15 0.83 -17.11
C SER A 61 -6.95 -0.18 -17.95
N ALA A 62 -7.05 -1.41 -17.45
CA ALA A 62 -7.78 -2.46 -18.15
C ALA A 62 -9.26 -2.13 -18.25
N ILE A 63 -9.80 -1.57 -17.17
CA ILE A 63 -11.22 -1.22 -17.13
C ILE A 63 -11.51 -0.13 -18.18
N ALA A 64 -10.65 0.87 -18.25
CA ALA A 64 -10.78 1.91 -19.26
C ALA A 64 -10.61 1.33 -20.66
N ARG A 65 -9.73 0.36 -20.80
CA ARG A 65 -9.45 -0.27 -22.08
C ARG A 65 -10.64 -1.06 -22.61
N TRP A 66 -11.34 -1.74 -21.71
CA TRP A 66 -12.45 -2.61 -22.10
C TRP A 66 -13.79 -2.05 -21.63
N GLY B 7 15.66 0.96 26.97
CA GLY B 7 14.94 0.50 25.79
C GLY B 7 15.86 -0.12 24.75
N PRO B 8 15.38 -0.18 23.50
CA PRO B 8 16.13 -0.76 22.38
C PRO B 8 17.51 -0.17 22.23
N GLN B 9 18.51 -1.03 22.13
CA GLN B 9 19.91 -0.62 22.03
C GLN B 9 20.26 -0.04 20.66
N ASP B 10 19.63 -0.56 19.62
CA ASP B 10 19.86 -0.09 18.26
C ASP B 10 18.59 -0.25 17.44
N LEU B 11 18.65 0.10 16.16
CA LEU B 11 17.44 0.08 15.35
C LEU B 11 16.91 -1.35 15.15
N ALA B 12 17.80 -2.31 14.98
CA ALA B 12 17.37 -3.71 14.84
C ALA B 12 16.56 -4.16 16.06
N ALA B 13 16.99 -3.76 17.25
CA ALA B 13 16.31 -4.14 18.48
C ALA B 13 14.92 -3.51 18.55
N LEU B 14 14.82 -2.24 18.16
CA LEU B 14 13.50 -1.59 18.12
C LEU B 14 12.57 -2.29 17.14
N LEU B 15 13.06 -2.52 15.92
CA LEU B 15 12.23 -3.13 14.90
C LEU B 15 11.80 -4.54 15.27
N GLU B 16 12.68 -5.32 15.90
CA GLU B 16 12.30 -6.65 16.37
C GLU B 16 11.16 -6.55 17.40
N GLN B 17 11.24 -5.58 18.29
CA GLN B 17 10.23 -5.41 19.35
C GLN B 17 8.86 -5.03 18.81
N ILE B 18 8.82 -4.42 17.62
CA ILE B 18 7.53 -4.09 17.00
C ILE B 18 7.20 -4.98 15.80
N GLY B 19 7.90 -6.10 15.71
CA GLY B 19 7.67 -7.08 14.67
C GLY B 19 7.91 -6.58 13.26
N CYS B 20 8.89 -5.68 13.11
CA CYS B 20 9.20 -5.07 11.82
C CYS B 20 10.64 -5.28 11.38
N LEU B 21 11.26 -6.32 11.89
CA LEU B 21 12.69 -6.51 11.66
C LEU B 21 13.05 -6.67 10.18
N LYS B 22 12.11 -7.20 9.39
CA LYS B 22 12.38 -7.36 7.96
C LYS B 22 12.59 -6.06 7.22
N TYR B 23 12.24 -4.93 7.84
CA TYR B 23 12.39 -3.61 7.23
C TYR B 23 13.73 -2.94 7.55
N LEU B 24 14.57 -3.63 8.32
CA LEU B 24 15.85 -3.05 8.73
C LEU B 24 16.73 -2.67 7.55
N GLN B 25 16.78 -3.51 6.52
CA GLN B 25 17.66 -3.28 5.38
C GLN B 25 17.35 -1.96 4.64
N VAL B 26 16.07 -1.60 4.55
CA VAL B 26 15.70 -0.33 3.95
C VAL B 26 16.36 0.85 4.67
N PHE B 27 16.32 0.81 6.00
CA PHE B 27 16.96 1.85 6.80
C PHE B 27 18.48 1.83 6.68
N GLU B 28 19.08 0.64 6.73
CA GLU B 28 20.53 0.52 6.62
C GLU B 28 21.04 1.12 5.33
N GLU B 29 20.34 0.85 4.22
CA GLU B 29 20.80 1.32 2.91
C GLU B 29 20.84 2.85 2.85
N GLN B 30 19.96 3.49 3.62
CA GLN B 30 19.94 4.95 3.67
C GLN B 30 20.73 5.53 4.84
N ASP B 31 21.46 4.67 5.55
CA ASP B 31 22.27 5.07 6.70
C ASP B 31 21.44 5.72 7.80
N VAL B 32 20.23 5.20 7.99
CA VAL B 32 19.36 5.67 9.06
C VAL B 32 19.54 4.78 10.28
N ASP B 33 20.09 5.34 11.36
CA ASP B 33 20.24 4.59 12.61
C ASP B 33 19.09 4.85 13.57
N LEU B 34 19.16 4.27 14.76
CA LEU B 34 18.09 4.45 15.75
C LEU B 34 17.86 5.93 16.07
N ARG B 35 18.94 6.67 16.28
CA ARG B 35 18.81 8.09 16.61
C ARG B 35 18.04 8.84 15.53
N GLU B 36 18.40 8.63 14.27
CA GLU B 36 17.68 9.31 13.19
C GLU B 36 16.24 8.78 13.03
N PHE B 37 16.07 7.47 13.18
CA PHE B 37 14.74 6.86 13.10
C PHE B 37 13.76 7.56 14.02
N LEU B 38 14.19 7.83 15.24
CA LEU B 38 13.32 8.44 16.25
C LEU B 38 12.93 9.90 15.95
N THR B 39 13.50 10.48 14.90
CA THR B 39 13.12 11.83 14.47
C THR B 39 12.20 11.87 13.27
N LEU B 40 11.85 10.71 12.74
CA LEU B 40 11.10 10.65 11.50
C LEU B 40 9.60 10.83 11.69
N THR B 41 8.93 11.28 10.62
CA THR B 41 7.47 11.36 10.59
C THR B 41 6.93 10.35 9.59
N GLU B 42 5.61 10.22 9.55
CA GLU B 42 4.95 9.29 8.64
C GLU B 42 5.46 9.47 7.21
N SER B 43 5.57 10.72 6.76
CA SER B 43 5.91 10.94 5.36
C SER B 43 7.35 10.59 5.06
N ASP B 44 8.23 10.74 6.07
CA ASP B 44 9.61 10.30 5.94
C ASP B 44 9.68 8.80 5.76
N LEU B 45 8.87 8.09 6.54
CA LEU B 45 8.89 6.64 6.51
C LEU B 45 8.37 6.14 5.17
N LYS B 46 7.30 6.76 4.68
CA LYS B 46 6.76 6.39 3.38
C LYS B 46 7.81 6.64 2.28
N GLU B 47 8.48 7.78 2.36
CA GLU B 47 9.47 8.18 1.38
C GLU B 47 10.65 7.22 1.31
N ILE B 48 11.01 6.64 2.46
CA ILE B 48 12.14 5.74 2.51
C ILE B 48 11.78 4.34 2.01
N GLY B 49 10.48 4.06 1.94
CA GLY B 49 10.03 2.77 1.43
C GLY B 49 9.25 1.91 2.39
N ILE B 50 8.85 2.47 3.53
CA ILE B 50 7.92 1.76 4.42
C ILE B 50 6.52 2.17 4.00
N THR B 51 5.98 1.51 2.97
CA THR B 51 4.79 2.04 2.30
C THR B 51 3.49 1.42 2.79
N LEU B 52 3.58 0.34 3.56
CA LEU B 52 2.39 -0.35 4.07
C LEU B 52 1.93 0.27 5.38
N PHE B 53 0.62 0.33 5.58
CA PHE B 53 0.08 1.11 6.68
C PHE B 53 0.52 0.55 8.03
N GLY B 54 0.45 -0.76 8.17
CA GLY B 54 0.70 -1.40 9.46
C GLY B 54 2.08 -1.18 10.04
N PRO B 55 3.13 -1.59 9.30
CA PRO B 55 4.49 -1.39 9.82
C PRO B 55 4.76 0.08 10.08
N LYS B 56 4.32 0.94 9.17
CA LYS B 56 4.55 2.37 9.29
C LYS B 56 3.89 2.90 10.57
N ARG B 57 2.69 2.40 10.86
CA ARG B 57 2.00 2.80 12.09
C ARG B 57 2.67 2.28 13.36
N LYS B 58 3.17 1.05 13.33
CA LYS B 58 3.88 0.56 14.50
C LYS B 58 5.14 1.40 14.74
N MET B 59 5.76 1.85 13.66
CA MET B 59 6.92 2.73 13.75
C MET B 59 6.55 4.11 14.30
N THR B 60 5.53 4.75 13.74
CA THR B 60 5.16 6.08 14.23
C THR B 60 4.63 6.05 15.66
N SER B 61 3.94 4.97 16.01
CA SER B 61 3.47 4.82 17.39
C SER B 61 4.64 4.76 18.36
N ALA B 62 5.67 4.00 18.00
CA ALA B 62 6.86 3.86 18.82
C ALA B 62 7.58 5.19 18.94
N ILE B 63 7.71 5.89 17.82
CA ILE B 63 8.36 7.20 17.81
C ILE B 63 7.59 8.20 18.68
N ALA B 64 6.26 8.15 18.62
CA ALA B 64 5.41 9.01 19.46
C ALA B 64 5.60 8.74 20.94
N ARG B 65 5.68 7.46 21.31
CA ARG B 65 5.89 7.08 22.70
C ARG B 65 7.28 7.48 23.18
N TRP B 66 8.28 7.43 22.31
CA TRP B 66 9.62 7.89 22.66
C TRP B 66 9.61 9.37 23.03
N HIS B 67 8.88 10.15 22.24
CA HIS B 67 8.79 11.59 22.48
C HIS B 67 8.05 11.92 23.78
N SER B 68 6.87 11.34 23.96
CA SER B 68 6.05 11.63 25.13
C SER B 68 6.72 11.17 26.43
N SER B 69 7.61 10.20 26.32
CA SER B 69 8.39 9.74 27.48
C SER B 69 9.77 10.38 27.50
N GLU C 8 15.28 -1.82 -17.44
CA GLU C 8 14.13 -1.98 -16.55
C GLU C 8 14.10 -0.87 -15.50
N LEU C 9 13.17 -0.98 -14.56
CA LEU C 9 12.93 0.07 -13.57
C LEU C 9 14.15 0.37 -12.70
N THR C 10 14.77 -0.66 -12.15
CA THR C 10 15.92 -0.46 -11.28
C THR C 10 17.04 0.24 -12.03
N GLY C 11 17.19 -0.09 -13.31
CA GLY C 11 18.21 0.54 -14.13
C GLY C 11 17.90 2.00 -14.42
N ILE C 12 16.62 2.31 -14.64
CA ILE C 12 16.20 3.70 -14.85
C ILE C 12 16.53 4.55 -13.62
N LEU C 13 16.16 4.05 -12.44
CA LEU C 13 16.42 4.78 -11.20
C LEU C 13 17.92 4.92 -10.94
N LYS C 14 18.68 3.86 -11.24
CA LYS C 14 20.13 3.92 -11.12
C LYS C 14 20.73 5.03 -11.97
N LYS C 15 20.32 5.10 -13.24
CA LYS C 15 20.82 6.11 -14.16
C LYS C 15 20.45 7.53 -13.74
N LEU C 16 19.36 7.67 -13.00
CA LEU C 16 18.93 8.96 -12.48
C LEU C 16 19.53 9.27 -11.11
N SER C 17 20.30 8.34 -10.56
CA SER C 17 20.85 8.44 -9.21
C SER C 17 19.72 8.53 -8.17
N LEU C 18 18.60 7.88 -8.47
CA LEU C 18 17.45 7.90 -7.58
C LEU C 18 17.07 6.51 -7.10
N GLU C 19 18.06 5.63 -6.98
CA GLU C 19 17.80 4.29 -6.46
C GLU C 19 17.23 4.24 -5.05
N LYS C 20 17.38 5.33 -4.28
CA LYS C 20 16.76 5.41 -2.96
C LYS C 20 15.23 5.23 -2.96
N TYR C 21 14.60 5.41 -4.11
CA TYR C 21 13.16 5.22 -4.20
C TYR C 21 12.74 3.82 -4.68
N GLN C 22 13.71 3.01 -5.07
CA GLN C 22 13.40 1.66 -5.54
C GLN C 22 12.47 0.87 -4.58
N PRO C 23 12.71 0.95 -3.25
CA PRO C 23 11.84 0.17 -2.36
C PRO C 23 10.35 0.54 -2.46
N ILE C 24 10.06 1.79 -2.78
CA ILE C 24 8.66 2.20 -2.94
C ILE C 24 8.03 1.46 -4.11
N PHE C 25 8.70 1.48 -5.26
CA PHE C 25 8.15 0.84 -6.45
C PHE C 25 8.03 -0.66 -6.27
N GLU C 26 9.02 -1.25 -5.60
CA GLU C 26 9.00 -2.69 -5.38
C GLU C 26 7.83 -3.10 -4.50
N GLU C 27 7.67 -2.41 -3.36
CA GLU C 27 6.62 -2.81 -2.43
C GLU C 27 5.22 -2.53 -2.98
N GLN C 28 5.11 -1.49 -3.80
CA GLN C 28 3.83 -1.13 -4.39
C GLN C 28 3.57 -1.89 -5.69
N GLU C 29 4.48 -2.80 -6.02
CA GLU C 29 4.33 -3.69 -7.18
C GLU C 29 4.10 -2.90 -8.46
N VAL C 30 4.86 -1.82 -8.60
CA VAL C 30 4.85 -1.03 -9.81
C VAL C 30 5.80 -1.62 -10.84
N ASP C 31 5.26 -2.34 -11.82
CA ASP C 31 6.04 -2.81 -12.96
C ASP C 31 6.18 -1.72 -14.02
N MET C 32 6.85 -2.03 -15.13
CA MET C 32 7.10 -1.04 -16.18
C MET C 32 5.82 -0.50 -16.79
N GLU C 33 4.85 -1.38 -17.04
CA GLU C 33 3.55 -0.97 -17.56
C GLU C 33 2.92 0.10 -16.68
N ALA C 34 2.89 -0.14 -15.37
CA ALA C 34 2.33 0.83 -14.45
C ALA C 34 3.21 2.08 -14.37
N PHE C 35 4.53 1.87 -14.34
CA PHE C 35 5.49 2.97 -14.19
C PHE C 35 5.31 4.01 -15.28
N LEU C 36 5.08 3.55 -16.50
CA LEU C 36 4.98 4.45 -17.63
C LEU C 36 3.70 5.28 -17.62
N THR C 37 2.77 4.96 -16.72
CA THR C 37 1.54 5.73 -16.56
C THR C 37 1.60 6.75 -15.43
N LEU C 38 2.71 6.80 -14.71
CA LEU C 38 2.78 7.62 -13.51
C LEU C 38 2.81 9.11 -13.81
N THR C 39 1.94 9.85 -13.13
CA THR C 39 1.89 11.30 -13.24
C THR C 39 2.54 11.94 -12.01
N ASP C 40 2.67 13.26 -12.05
CA ASP C 40 3.19 14.00 -10.90
C ASP C 40 2.38 13.71 -9.64
N GLY C 41 1.05 13.71 -9.79
CA GLY C 41 0.18 13.39 -8.67
C GLY C 41 0.39 11.98 -8.15
N ASP C 42 0.58 11.03 -9.07
CA ASP C 42 0.83 9.65 -8.65
C ASP C 42 2.12 9.55 -7.83
N LEU C 43 3.17 10.26 -8.28
CA LEU C 43 4.45 10.17 -7.58
C LEU C 43 4.35 10.80 -6.20
N LYS C 44 3.60 11.90 -6.09
CA LYS C 44 3.33 12.47 -4.77
C LYS C 44 2.62 11.48 -3.85
N GLU C 45 1.59 10.81 -4.38
CA GLU C 45 0.82 9.83 -3.62
C GLU C 45 1.67 8.63 -3.17
N LEU C 46 2.61 8.22 -4.02
CA LEU C 46 3.53 7.12 -3.70
C LEU C 46 4.52 7.51 -2.61
N GLY C 47 4.72 8.81 -2.42
CA GLY C 47 5.54 9.29 -1.31
C GLY C 47 6.77 10.07 -1.71
N ILE C 48 6.94 10.31 -3.01
CA ILE C 48 8.08 11.06 -3.50
C ILE C 48 7.76 12.55 -3.42
N LYS C 49 8.05 13.14 -2.28
CA LYS C 49 7.64 14.50 -2.00
C LYS C 49 8.58 15.56 -2.58
N THR C 50 9.81 15.16 -2.87
CA THR C 50 10.82 16.09 -3.38
C THR C 50 10.57 16.46 -4.84
N ASP C 51 10.34 17.76 -5.10
CA ASP C 51 9.95 18.21 -6.43
C ASP C 51 10.93 17.75 -7.51
N GLY C 52 12.23 17.90 -7.23
CA GLY C 52 13.26 17.59 -8.21
C GLY C 52 13.26 16.12 -8.57
N SER C 53 12.98 15.27 -7.58
CA SER C 53 12.90 13.83 -7.81
C SER C 53 11.79 13.49 -8.78
N ARG C 54 10.61 14.06 -8.54
CA ARG C 54 9.50 13.85 -9.47
C ARG C 54 9.82 14.41 -10.85
N GLN C 55 10.48 15.57 -10.91
CA GLN C 55 10.80 16.16 -12.20
C GLN C 55 11.65 15.20 -13.01
N GLN C 56 12.64 14.59 -12.36
CA GLN C 56 13.58 13.71 -13.06
C GLN C 56 12.89 12.43 -13.50
N ILE C 57 12.08 11.84 -12.62
CA ILE C 57 11.38 10.61 -12.96
C ILE C 57 10.40 10.86 -14.10
N LEU C 58 9.64 11.95 -14.03
CA LEU C 58 8.68 12.25 -15.09
C LEU C 58 9.37 12.50 -16.42
N ALA C 59 10.53 13.15 -16.40
CA ALA C 59 11.28 13.40 -17.62
C ALA C 59 11.71 12.09 -18.26
N ALA C 60 12.15 11.14 -17.42
CA ALA C 60 12.52 9.82 -17.90
C ALA C 60 11.33 9.09 -18.52
N ILE C 61 10.19 9.15 -17.85
CA ILE C 61 8.97 8.54 -18.36
C ILE C 61 8.57 9.15 -19.70
N SER C 62 8.67 10.47 -19.79
CA SER C 62 8.30 11.20 -20.99
C SER C 62 9.13 10.73 -22.19
N GLU C 63 10.44 10.62 -21.99
CA GLU C 63 11.33 10.20 -23.09
C GLU C 63 11.00 8.79 -23.54
N LEU C 64 10.68 7.91 -22.59
CA LEU C 64 10.33 6.53 -22.89
C LEU C 64 9.02 6.44 -23.69
N ASN C 65 8.06 7.29 -23.36
CA ASN C 65 6.76 7.30 -24.03
C ASN C 65 6.74 8.12 -25.32
N ALA C 66 7.82 8.86 -25.58
CA ALA C 66 7.88 9.76 -26.73
C ALA C 66 7.69 9.02 -28.05
N GLY C 67 6.75 9.47 -28.87
CA GLY C 67 6.47 8.84 -30.14
C GLY C 67 5.22 7.99 -30.12
N ASP D 7 -6.38 -15.77 12.86
CA ASP D 7 -5.90 -15.13 14.08
C ASP D 7 -6.93 -14.17 14.68
N GLU D 8 -6.49 -13.30 15.58
CA GLU D 8 -7.40 -12.45 16.35
C GLU D 8 -8.19 -11.46 15.49
N LEU D 9 -7.49 -10.76 14.60
CA LEU D 9 -8.15 -9.76 13.76
C LEU D 9 -9.17 -10.40 12.84
N THR D 10 -8.83 -11.54 12.25
CA THR D 10 -9.77 -12.30 11.43
C THR D 10 -11.06 -12.56 12.19
N GLY D 11 -10.95 -12.98 13.44
CA GLY D 11 -12.11 -13.28 14.26
C GLY D 11 -12.95 -12.05 14.54
N ILE D 12 -12.29 -10.93 14.79
CA ILE D 12 -12.98 -9.68 15.07
C ILE D 12 -13.82 -9.26 13.85
N LEU D 13 -13.23 -9.31 12.67
CA LEU D 13 -13.96 -8.94 11.46
C LEU D 13 -15.11 -9.91 11.18
N LYS D 14 -14.88 -11.22 11.38
CA LYS D 14 -15.96 -12.20 11.24
C LYS D 14 -17.13 -11.89 12.17
N LYS D 15 -16.81 -11.52 13.40
CA LYS D 15 -17.82 -11.19 14.40
C LYS D 15 -18.69 -10.00 13.94
N LEU D 16 -18.07 -9.07 13.24
CA LEU D 16 -18.74 -7.85 12.76
C LEU D 16 -19.39 -8.03 11.38
N SER D 17 -19.23 -9.22 10.80
CA SER D 17 -19.58 -9.46 9.40
C SER D 17 -18.87 -8.52 8.42
N LEU D 18 -17.62 -8.22 8.75
CA LEU D 18 -16.78 -7.36 7.93
C LEU D 18 -15.58 -8.10 7.36
N GLU D 19 -15.73 -9.41 7.16
CA GLU D 19 -14.63 -10.19 6.63
C GLU D 19 -14.24 -9.75 5.21
N LYS D 20 -15.15 -9.05 4.52
CA LYS D 20 -14.82 -8.53 3.19
C LYS D 20 -13.63 -7.56 3.21
N TYR D 21 -13.30 -7.01 4.37
CA TYR D 21 -12.16 -6.09 4.47
C TYR D 21 -10.87 -6.77 4.91
N GLN D 22 -10.94 -8.05 5.26
CA GLN D 22 -9.73 -8.79 5.63
C GLN D 22 -8.57 -8.58 4.65
N PRO D 23 -8.82 -8.66 3.33
CA PRO D 23 -7.69 -8.47 2.41
C PRO D 23 -6.98 -7.12 2.53
N ILE D 24 -7.70 -6.05 2.90
CA ILE D 24 -7.05 -4.76 3.09
C ILE D 24 -6.06 -4.84 4.26
N PHE D 25 -6.50 -5.35 5.40
CA PHE D 25 -5.65 -5.42 6.57
C PHE D 25 -4.47 -6.37 6.36
N GLU D 26 -4.70 -7.46 5.65
CA GLU D 26 -3.65 -8.42 5.34
C GLU D 26 -2.55 -7.82 4.48
N GLU D 27 -2.95 -7.16 3.39
CA GLU D 27 -1.98 -6.69 2.43
C GLU D 27 -1.22 -5.49 3.01
N GLN D 28 -1.89 -4.75 3.88
CA GLN D 28 -1.29 -3.59 4.51
C GLN D 28 -0.56 -3.94 5.81
N GLU D 29 -0.48 -5.25 6.10
CA GLU D 29 0.23 -5.78 7.26
C GLU D 29 -0.21 -5.10 8.55
N VAL D 30 -1.51 -4.94 8.71
CA VAL D 30 -2.06 -4.37 9.92
C VAL D 30 -2.34 -5.47 10.95
N ASP D 31 -1.51 -5.54 11.98
CA ASP D 31 -1.72 -6.51 13.07
C ASP D 31 -2.59 -5.88 14.15
N MET D 32 -2.80 -6.59 15.27
CA MET D 32 -3.65 -6.06 16.32
C MET D 32 -3.13 -4.77 16.92
N GLU D 33 -1.81 -4.67 17.12
CA GLU D 33 -1.25 -3.47 17.71
C GLU D 33 -1.54 -2.25 16.84
N ALA D 34 -1.35 -2.38 15.53
CA ALA D 34 -1.67 -1.30 14.60
C ALA D 34 -3.18 -1.06 14.53
N PHE D 35 -3.94 -2.14 14.50
CA PHE D 35 -5.40 -2.08 14.42
C PHE D 35 -6.02 -1.23 15.52
N LEU D 36 -5.52 -1.39 16.74
CA LEU D 36 -6.10 -0.72 17.89
C LEU D 36 -5.81 0.77 17.93
N THR D 37 -4.97 1.25 17.02
CA THR D 37 -4.66 2.68 16.92
C THR D 37 -5.46 3.38 15.83
N LEU D 38 -6.28 2.64 15.10
CA LEU D 38 -6.90 3.19 13.89
C LEU D 38 -8.03 4.16 14.21
N THR D 39 -7.94 5.35 13.62
CA THR D 39 -8.99 6.34 13.75
C THR D 39 -9.92 6.28 12.54
N ASP D 40 -11.01 7.04 12.60
CA ASP D 40 -11.94 7.17 11.48
C ASP D 40 -11.17 7.57 10.21
N GLY D 41 -10.33 8.59 10.35
CA GLY D 41 -9.50 9.02 9.24
C GLY D 41 -8.55 7.96 8.74
N ASP D 42 -7.96 7.17 9.66
CA ASP D 42 -7.13 6.06 9.23
C ASP D 42 -7.90 5.02 8.39
N LEU D 43 -9.12 4.69 8.83
CA LEU D 43 -9.94 3.73 8.09
C LEU D 43 -10.26 4.23 6.68
N LYS D 44 -10.53 5.52 6.55
CA LYS D 44 -10.72 6.13 5.24
C LYS D 44 -9.46 5.98 4.39
N GLU D 45 -8.30 6.26 5.00
CA GLU D 45 -7.04 6.14 4.29
C GLU D 45 -6.82 4.70 3.79
N LEU D 46 -7.25 3.73 4.61
CA LEU D 46 -7.13 2.32 4.24
C LEU D 46 -8.06 1.91 3.10
N GLY D 47 -9.13 2.68 2.90
CA GLY D 47 -10.04 2.44 1.80
C GLY D 47 -11.45 2.04 2.22
N ILE D 48 -11.72 2.07 3.51
CA ILE D 48 -13.04 1.68 4.01
C ILE D 48 -13.99 2.89 3.92
N LYS D 49 -14.53 3.08 2.73
CA LYS D 49 -15.29 4.28 2.44
C LYS D 49 -16.74 4.22 2.96
N THR D 50 -17.20 3.03 3.35
CA THR D 50 -18.56 2.88 3.88
C THR D 50 -18.67 3.37 5.32
N ASP D 51 -19.53 4.37 5.54
CA ASP D 51 -19.65 5.01 6.85
C ASP D 51 -19.96 4.02 7.98
N GLY D 52 -20.90 3.11 7.73
CA GLY D 52 -21.33 2.17 8.76
C GLY D 52 -20.22 1.22 9.13
N SER D 53 -19.42 0.82 8.15
CA SER D 53 -18.31 -0.09 8.41
C SER D 53 -17.31 0.55 9.37
N ARG D 54 -17.02 1.83 9.15
CA ARG D 54 -16.09 2.52 10.03
C ARG D 54 -16.67 2.63 11.45
N GLN D 55 -17.97 2.92 11.54
CA GLN D 55 -18.63 2.97 12.84
C GLN D 55 -18.47 1.64 13.59
N GLN D 56 -18.70 0.54 12.88
CA GLN D 56 -18.58 -0.79 13.46
C GLN D 56 -17.17 -1.03 13.98
N ILE D 57 -16.19 -0.74 13.12
CA ILE D 57 -14.81 -1.01 13.44
C ILE D 57 -14.34 -0.14 14.61
N LEU D 58 -14.69 1.13 14.58
CA LEU D 58 -14.27 2.04 15.66
C LEU D 58 -14.87 1.63 17.00
N ALA D 59 -16.12 1.17 16.98
CA ALA D 59 -16.76 0.70 18.20
C ALA D 59 -16.07 -0.53 18.76
N ALA D 60 -15.67 -1.44 17.87
CA ALA D 60 -14.95 -2.65 18.27
C ALA D 60 -13.60 -2.29 18.89
N ILE D 61 -12.92 -1.34 18.26
CA ILE D 61 -11.61 -0.91 18.75
C ILE D 61 -11.73 -0.28 20.12
N SER D 62 -12.74 0.55 20.30
CA SER D 62 -12.97 1.26 21.55
C SER D 62 -13.20 0.30 22.70
N GLU D 63 -13.99 -0.73 22.45
CA GLU D 63 -14.27 -1.76 23.46
C GLU D 63 -13.00 -2.50 23.86
N LEU D 64 -12.18 -2.83 22.86
CA LEU D 64 -10.94 -3.56 23.10
C LEU D 64 -9.92 -2.69 23.83
N ASN D 65 -9.92 -1.40 23.54
CA ASN D 65 -8.99 -0.49 24.20
C ASN D 65 -9.38 -0.18 25.64
N ALA D 66 -10.65 0.10 25.87
CA ALA D 66 -11.15 0.34 27.21
C ALA D 66 -11.09 -0.94 28.01
N GLY D 67 -11.40 -2.05 27.35
CA GLY D 67 -11.39 -3.36 27.99
C GLY D 67 -9.99 -3.93 28.13
MG MG E . -21.54 -12.61 8.99
#